data_7RLL
#
_entry.id   7RLL
#
_cell.length_a   50.958
_cell.length_b   75.852
_cell.length_c   97.518
_cell.angle_alpha   90.000
_cell.angle_beta   90.000
_cell.angle_gamma   90.000
#
_symmetry.space_group_name_H-M   'P 21 21 21'
#
loop_
_entity.id
_entity.type
_entity.pdbx_description
1 polymer Arf3p
2 non-polymer "GUANOSINE-3'-MONOPHOSPHATE-5'-DIPHOSPHATE"
3 non-polymer 'MAGNESIUM ION'
4 water water
#
_entity_poly.entity_id   1
_entity_poly.type   'polypeptide(L)'
_entity_poly.pdbx_seq_one_letter_code
;QGMGGLVSKLFKNREMRILMLGLDNAGKTTILYKLKLGKTSKTVPTVGFNVETVKHKNVSFAVWDCGGQERIRPLWRHYF
TGTNALIYVVDSSDVDRLEESKQELFRIVTDKELTNCLLVVLANKQDVDGAVKPKDLIERFQLNKLTGEHTWSVIPTIAI
DGTGLVETLNWISSHSK
;
_entity_poly.pdbx_strand_id   A,B
#
loop_
_chem_comp.id
_chem_comp.type
_chem_comp.name
_chem_comp.formula
G3D non-polymer GUANOSINE-3'-MONOPHOSPHATE-5'-DIPHOSPHATE 'C10 H16 N5 O14 P3'
MG non-polymer 'MAGNESIUM ION' 'Mg 2'
#
# COMPACT_ATOMS: atom_id res chain seq x y z
N MET A 3 14.42 25.44 -4.23
CA MET A 3 14.53 24.14 -3.58
C MET A 3 15.30 24.24 -2.27
N GLY A 4 15.89 25.40 -2.02
CA GLY A 4 16.67 25.64 -0.82
C GLY A 4 15.88 25.44 0.47
N GLY A 5 16.18 24.34 1.16
CA GLY A 5 15.53 24.04 2.42
C GLY A 5 14.15 23.44 2.34
N LEU A 6 13.52 23.42 1.15
CA LEU A 6 12.13 23.01 1.03
C LEU A 6 11.82 21.71 1.75
N VAL A 7 12.80 20.79 1.81
CA VAL A 7 12.61 19.56 2.56
C VAL A 7 12.32 19.86 4.03
N SER A 8 13.09 20.77 4.61
CA SER A 8 12.93 21.15 6.01
C SER A 8 11.57 21.65 6.34
N LYS A 9 11.11 22.68 5.65
CA LYS A 9 9.78 23.20 5.96
C LYS A 9 8.67 22.20 5.67
N LEU A 10 8.93 21.20 4.82
CA LEU A 10 7.90 20.23 4.50
C LEU A 10 7.76 19.16 5.59
N PHE A 11 8.87 18.55 5.97
CA PHE A 11 8.85 17.44 6.92
C PHE A 11 9.07 17.89 8.36
N LYS A 12 10.07 18.74 8.60
CA LYS A 12 10.44 19.19 9.94
C LYS A 12 10.69 18.00 10.87
N ASN A 13 11.59 17.12 10.43
CA ASN A 13 12.12 16.01 11.24
C ASN A 13 11.05 15.01 11.69
N ARG A 14 10.10 14.71 10.80
CA ARG A 14 9.46 13.42 10.97
C ARG A 14 10.39 12.32 10.47
N GLU A 15 10.11 11.08 10.88
CA GLU A 15 10.86 9.95 10.36
C GLU A 15 10.57 9.79 8.87
N MET A 16 11.62 9.80 8.06
CA MET A 16 11.45 9.65 6.61
C MET A 16 12.75 9.13 6.01
N ARG A 17 12.76 7.85 5.62
CA ARG A 17 13.92 7.17 5.06
C ARG A 17 13.65 6.87 3.59
N ILE A 18 14.28 7.64 2.71
CA ILE A 18 14.04 7.56 1.28
C ILE A 18 15.19 6.82 0.62
N LEU A 19 14.85 5.88 -0.25
CA LEU A 19 15.79 5.27 -1.18
C LEU A 19 15.51 5.84 -2.56
N MET A 20 16.56 6.21 -3.29
CA MET A 20 16.38 6.78 -4.63
C MET A 20 17.29 5.99 -5.57
N LEU A 21 16.67 5.21 -6.46
CA LEU A 21 17.34 4.21 -7.28
C LEU A 21 16.94 4.40 -8.73
N GLY A 22 17.45 3.51 -9.60
CA GLY A 22 17.21 3.61 -11.03
C GLY A 22 18.44 3.21 -11.80
N LEU A 23 18.32 3.08 -13.13
CA LEU A 23 19.52 2.77 -13.90
C LEU A 23 20.48 3.96 -13.88
N ASP A 24 21.76 3.66 -14.15
CA ASP A 24 22.73 4.69 -14.45
C ASP A 24 22.21 5.56 -15.60
N ASN A 25 22.55 6.85 -15.55
CA ASN A 25 22.16 7.90 -16.50
C ASN A 25 20.73 8.35 -16.32
N ALA A 26 19.99 7.85 -15.32
CA ALA A 26 18.60 8.26 -15.18
C ALA A 26 18.47 9.66 -14.61
N GLY A 27 19.40 10.07 -13.74
CA GLY A 27 19.44 11.43 -13.24
C GLY A 27 19.32 11.60 -11.74
N LYS A 28 19.68 10.57 -10.95
CA LYS A 28 19.42 10.61 -9.51
C LYS A 28 20.34 11.61 -8.81
N THR A 29 21.64 11.55 -9.11
CA THR A 29 22.60 12.41 -8.43
C THR A 29 22.28 13.87 -8.69
N THR A 30 21.85 14.19 -9.91
CA THR A 30 21.34 15.53 -10.20
C THR A 30 20.23 15.91 -9.22
N ILE A 31 19.25 15.03 -9.06
CA ILE A 31 18.12 15.32 -8.18
C ILE A 31 18.59 15.49 -6.73
N LEU A 32 19.43 14.57 -6.26
CA LEU A 32 19.93 14.64 -4.89
C LEU A 32 20.54 15.99 -4.58
N TYR A 33 21.37 16.50 -5.48
CA TYR A 33 22.03 17.78 -5.25
C TYR A 33 21.11 18.97 -5.43
N LYS A 34 20.05 18.82 -6.22
CA LYS A 34 19.10 19.93 -6.36
C LYS A 34 18.34 20.18 -5.08
N LEU A 35 18.19 19.15 -4.24
CA LEU A 35 17.40 19.28 -3.03
C LEU A 35 18.09 20.05 -1.92
N LYS A 36 19.41 20.26 -2.04
CA LYS A 36 20.19 21.01 -1.05
C LYS A 36 19.95 20.45 0.34
N LEU A 37 19.98 19.11 0.44
CA LEU A 37 19.57 18.41 1.64
C LEU A 37 20.57 18.53 2.77
N GLY A 38 21.81 18.88 2.47
CA GLY A 38 22.82 18.97 3.50
C GLY A 38 24.06 18.18 3.16
N LYS A 39 24.77 17.70 4.17
CA LYS A 39 26.03 17.00 3.95
C LYS A 39 25.80 15.68 3.25
N THR A 40 26.30 15.58 2.02
CA THR A 40 26.39 14.29 1.36
C THR A 40 27.51 13.49 2.00
N SER A 41 27.29 12.18 2.09
CA SER A 41 28.30 11.24 2.59
C SER A 41 28.39 10.10 1.59
N LYS A 42 29.43 10.12 0.74
CA LYS A 42 29.60 9.10 -0.28
C LYS A 42 30.25 7.88 0.37
N THR A 43 29.49 6.80 0.48
CA THR A 43 29.93 5.58 1.13
C THR A 43 30.24 4.50 0.08
N VAL A 44 31.11 3.57 0.47
CA VAL A 44 31.30 2.36 -0.32
C VAL A 44 31.16 1.18 0.65
N PRO A 45 29.92 0.79 1.00
CA PRO A 45 29.74 -0.33 1.93
C PRO A 45 30.51 -1.57 1.55
N THR A 46 30.68 -1.80 0.24
CA THR A 46 31.59 -2.79 -0.30
C THR A 46 31.94 -2.35 -1.72
N VAL A 47 33.09 -2.80 -2.21
CA VAL A 47 33.55 -2.35 -3.51
C VAL A 47 32.56 -2.79 -4.59
N GLY A 48 32.36 -1.91 -5.58
CA GLY A 48 31.33 -2.13 -6.57
C GLY A 48 29.96 -1.67 -6.17
N PHE A 49 29.83 -0.95 -5.06
CA PHE A 49 28.54 -0.53 -4.51
C PHE A 49 28.72 0.88 -3.95
N ASN A 50 28.44 1.87 -4.79
CA ASN A 50 28.62 3.28 -4.45
C ASN A 50 27.29 3.86 -3.99
N VAL A 51 27.20 4.16 -2.70
CA VAL A 51 25.98 4.66 -2.09
C VAL A 51 26.26 6.06 -1.57
N GLU A 52 25.36 7.00 -1.87
CA GLU A 52 25.49 8.39 -1.46
C GLU A 52 24.32 8.71 -0.53
N THR A 53 24.63 9.07 0.71
CA THR A 53 23.63 9.33 1.73
C THR A 53 23.70 10.76 2.21
N VAL A 54 22.52 11.38 2.35
CA VAL A 54 22.37 12.71 2.93
C VAL A 54 21.36 12.59 4.06
N LYS A 55 21.48 13.46 5.05
CA LYS A 55 20.58 13.49 6.15
C LYS A 55 20.30 14.91 6.60
N HIS A 56 19.01 15.22 6.72
CA HIS A 56 18.54 16.53 7.20
C HIS A 56 17.48 16.35 8.27
N LYS A 57 17.78 16.86 9.46
CA LYS A 57 16.94 16.72 10.65
C LYS A 57 16.76 15.21 10.62
N ASN A 58 15.54 14.75 10.35
CA ASN A 58 15.26 13.34 10.26
C ASN A 58 14.97 12.70 8.89
N VAL A 59 15.20 13.41 7.79
CA VAL A 59 14.95 12.89 6.45
C VAL A 59 16.27 12.33 5.92
N SER A 60 16.30 11.03 5.67
CA SER A 60 17.49 10.35 5.17
C SER A 60 17.29 9.97 3.71
N PHE A 61 18.35 10.13 2.91
CA PHE A 61 18.39 9.68 1.53
C PHE A 61 19.52 8.66 1.36
N ALA A 62 19.33 7.71 0.45
CA ALA A 62 20.37 6.76 0.06
C ALA A 62 20.21 6.47 -1.43
N VAL A 63 21.25 6.75 -2.21
CA VAL A 63 21.19 6.76 -3.67
C VAL A 63 22.26 5.84 -4.23
N TRP A 64 21.85 4.93 -5.13
CA TRP A 64 22.80 4.13 -5.89
C TRP A 64 22.16 3.70 -7.21
N ASP A 65 23.01 3.27 -8.15
CA ASP A 65 22.58 2.84 -9.47
C ASP A 65 22.32 1.34 -9.51
N CYS A 66 21.24 0.94 -10.16
CA CYS A 66 20.98 -0.46 -10.45
C CYS A 66 21.53 -0.83 -11.82
N GLY A 67 21.68 -2.14 -12.04
CA GLY A 67 22.16 -2.62 -13.33
C GLY A 67 23.20 -3.72 -13.25
N GLY A 68 23.07 -4.64 -12.29
CA GLY A 68 24.06 -5.72 -12.12
C GLY A 68 24.83 -5.96 -10.80
N GLN A 69 25.96 -6.67 -10.84
CA GLN A 69 26.79 -6.99 -9.65
C GLN A 69 26.14 -7.69 -8.40
N GLU A 70 25.48 -8.81 -8.64
CA GLU A 70 24.78 -9.58 -7.61
C GLU A 70 25.33 -9.79 -6.20
N ARG A 71 26.64 -9.79 -5.99
CA ARG A 71 27.15 -10.09 -4.66
C ARG A 71 26.75 -9.05 -3.63
N ILE A 72 26.31 -7.87 -4.08
CA ILE A 72 25.96 -6.78 -3.17
C ILE A 72 24.46 -6.64 -2.99
N ARG A 73 23.68 -7.69 -3.26
CA ARG A 73 22.22 -7.58 -3.19
C ARG A 73 21.79 -7.89 -1.76
N PRO A 74 22.36 -8.89 -1.09
CA PRO A 74 22.07 -9.03 0.36
C PRO A 74 22.28 -7.74 1.13
N LEU A 75 23.18 -6.88 0.66
CA LEU A 75 23.40 -5.57 1.29
C LEU A 75 22.41 -4.53 0.81
N TRP A 76 21.92 -4.65 -0.43
CA TRP A 76 20.76 -3.85 -0.84
C TRP A 76 19.63 -4.04 0.15
N ARG A 77 19.38 -5.30 0.55
CA ARG A 77 18.28 -5.62 1.44
C ARG A 77 18.48 -5.01 2.83
N HIS A 78 19.73 -4.80 3.23
CA HIS A 78 19.98 -4.12 4.51
C HIS A 78 19.53 -2.67 4.44
N TYR A 79 19.72 -2.03 3.29
CA TYR A 79 19.27 -0.66 3.10
C TYR A 79 17.76 -0.58 2.87
N PHE A 80 17.12 -1.67 2.44
CA PHE A 80 15.67 -1.67 2.28
C PHE A 80 14.96 -1.55 3.63
N THR A 81 15.47 -2.24 4.65
CA THR A 81 14.78 -2.32 5.93
C THR A 81 14.57 -0.93 6.52
N GLY A 82 13.31 -0.61 6.81
CA GLY A 82 12.96 0.68 7.38
C GLY A 82 12.73 1.80 6.39
N THR A 83 12.85 1.52 5.10
CA THR A 83 12.62 2.55 4.08
C THR A 83 11.16 2.99 4.13
N ASN A 84 10.93 4.31 4.11
CA ASN A 84 9.57 4.85 4.07
C ASN A 84 9.11 5.25 2.67
N ALA A 85 10.03 5.48 1.73
CA ALA A 85 9.63 5.79 0.37
C ALA A 85 10.74 5.41 -0.59
N LEU A 86 10.35 4.90 -1.75
CA LEU A 86 11.27 4.61 -2.84
C LEU A 86 11.01 5.58 -3.98
N ILE A 87 12.01 6.37 -4.34
CA ILE A 87 11.95 7.17 -5.56
C ILE A 87 12.72 6.41 -6.64
N TYR A 88 12.03 6.01 -7.71
CA TYR A 88 12.66 5.26 -8.79
C TYR A 88 12.71 6.12 -10.03
N VAL A 89 13.93 6.48 -10.46
CA VAL A 89 14.14 7.44 -11.53
C VAL A 89 14.36 6.72 -12.85
N VAL A 90 13.70 7.21 -13.88
CA VAL A 90 13.68 6.58 -15.20
C VAL A 90 14.05 7.64 -16.23
N ASP A 91 14.95 7.29 -17.13
CA ASP A 91 15.23 8.14 -18.29
C ASP A 91 14.07 8.01 -19.26
N SER A 92 13.14 8.98 -19.22
CA SER A 92 11.96 8.94 -20.09
C SER A 92 12.33 8.99 -21.57
N SER A 93 13.53 9.43 -21.91
CA SER A 93 13.93 9.64 -23.30
C SER A 93 14.74 8.47 -23.86
N ASP A 94 14.87 7.38 -23.13
CA ASP A 94 15.72 6.23 -23.51
C ASP A 94 14.82 5.01 -23.65
N VAL A 95 14.13 4.91 -24.78
CA VAL A 95 13.09 3.90 -24.93
C VAL A 95 13.68 2.50 -24.92
N ASP A 96 14.84 2.30 -25.55
CA ASP A 96 15.39 0.95 -25.63
C ASP A 96 16.01 0.47 -24.32
N ARG A 97 16.04 1.28 -23.28
CA ARG A 97 16.43 0.84 -21.95
C ARG A 97 15.26 0.75 -20.98
N LEU A 98 14.04 1.07 -21.43
CA LEU A 98 12.89 1.06 -20.52
C LEU A 98 12.60 -0.33 -19.98
N GLU A 99 12.80 -1.36 -20.79
CA GLU A 99 12.52 -2.72 -20.33
C GLU A 99 13.54 -3.14 -19.27
N GLU A 100 14.82 -2.79 -19.48
CA GLU A 100 15.83 -2.93 -18.41
C GLU A 100 15.37 -2.29 -17.12
N SER A 101 14.98 -1.02 -17.20
CA SER A 101 14.58 -0.26 -16.02
C SER A 101 13.37 -0.91 -15.34
N LYS A 102 12.42 -1.36 -16.15
CA LYS A 102 11.25 -2.08 -15.64
C LYS A 102 11.65 -3.30 -14.82
N GLN A 103 12.48 -4.18 -15.39
CA GLN A 103 12.89 -5.39 -14.67
C GLN A 103 13.59 -5.06 -13.37
N GLU A 104 14.40 -3.99 -13.33
CA GLU A 104 15.11 -3.69 -12.10
C GLU A 104 14.18 -3.11 -11.06
N LEU A 105 13.22 -2.28 -11.48
CA LEU A 105 12.22 -1.77 -10.56
C LEU A 105 11.48 -2.91 -9.87
N PHE A 106 10.99 -3.88 -10.64
CA PHE A 106 10.18 -4.94 -10.05
C PHE A 106 11.02 -5.83 -9.14
N ARG A 107 12.31 -5.98 -9.43
CA ARG A 107 13.13 -6.78 -8.55
C ARG A 107 13.32 -6.09 -7.20
N ILE A 108 13.35 -4.76 -7.20
CA ILE A 108 13.41 -4.00 -5.94
C ILE A 108 12.06 -3.94 -5.25
N VAL A 109 11.04 -3.42 -5.93
CA VAL A 109 9.82 -3.02 -5.23
C VAL A 109 9.03 -4.21 -4.69
N THR A 110 9.24 -5.41 -5.21
CA THR A 110 8.51 -6.57 -4.72
C THR A 110 9.26 -7.34 -3.64
N ASP A 111 10.43 -6.84 -3.23
CA ASP A 111 11.16 -7.43 -2.11
C ASP A 111 10.35 -7.37 -0.83
N LYS A 112 10.45 -8.43 -0.03
CA LYS A 112 9.69 -8.49 1.23
C LYS A 112 10.09 -7.38 2.19
N GLU A 113 11.34 -6.89 2.11
CA GLU A 113 11.75 -5.80 2.97
C GLU A 113 11.17 -4.46 2.54
N LEU A 114 10.52 -4.42 1.38
CA LEU A 114 9.86 -3.22 0.89
C LEU A 114 8.34 -3.40 0.84
N THR A 115 7.83 -4.30 1.67
CA THR A 115 6.39 -4.57 1.70
C THR A 115 5.61 -3.27 1.95
N ASN A 116 4.65 -2.98 1.09
CA ASN A 116 3.79 -1.80 1.16
C ASN A 116 4.55 -0.48 1.03
N CYS A 117 5.76 -0.48 0.46
CA CYS A 117 6.53 0.75 0.45
C CYS A 117 5.96 1.71 -0.59
N LEU A 118 5.93 3.00 -0.25
CA LEU A 118 5.50 4.01 -1.21
C LEU A 118 6.48 4.09 -2.38
N LEU A 119 5.95 4.28 -3.59
CA LEU A 119 6.76 4.32 -4.80
C LEU A 119 6.42 5.57 -5.61
N VAL A 120 7.42 6.42 -5.85
CA VAL A 120 7.31 7.46 -6.85
C VAL A 120 8.23 7.08 -7.99
N VAL A 121 7.67 6.92 -9.18
CA VAL A 121 8.45 6.75 -10.40
C VAL A 121 8.57 8.13 -11.03
N LEU A 122 9.80 8.58 -11.21
CA LEU A 122 10.06 9.87 -11.83
C LEU A 122 10.31 9.62 -13.32
N ALA A 123 9.39 10.07 -14.16
CA ALA A 123 9.60 10.02 -15.61
C ALA A 123 10.47 11.23 -15.97
N ASN A 124 11.77 11.06 -15.76
CA ASN A 124 12.69 12.18 -15.80
C ASN A 124 13.18 12.45 -17.23
N LYS A 125 13.75 13.63 -17.43
CA LYS A 125 14.17 14.12 -18.74
C LYS A 125 12.98 14.30 -19.69
N GLN A 126 11.82 14.67 -19.15
CA GLN A 126 10.65 14.94 -19.96
C GLN A 126 10.89 16.12 -20.90
N ASP A 127 11.97 16.84 -20.62
CA ASP A 127 12.49 17.96 -21.38
C ASP A 127 13.38 17.55 -22.54
N VAL A 128 13.31 16.29 -22.93
CA VAL A 128 13.98 15.80 -24.12
C VAL A 128 12.92 15.41 -25.15
N ASP A 129 13.16 15.75 -26.41
CA ASP A 129 12.24 15.32 -27.46
C ASP A 129 12.17 13.80 -27.51
N GLY A 130 10.95 13.27 -27.57
CA GLY A 130 10.74 11.84 -27.60
C GLY A 130 10.51 11.18 -26.27
N ALA A 131 10.49 11.95 -25.18
CA ALA A 131 10.27 11.36 -23.86
C ALA A 131 8.88 10.72 -23.78
N VAL A 132 8.82 9.55 -23.16
CA VAL A 132 7.55 8.87 -23.00
C VAL A 132 6.72 9.60 -21.95
N LYS A 133 5.42 9.68 -22.19
CA LYS A 133 4.51 10.31 -21.24
C LYS A 133 4.27 9.40 -20.04
N PRO A 134 3.94 9.97 -18.88
CA PRO A 134 3.61 9.13 -17.70
C PRO A 134 2.64 7.99 -17.98
N LYS A 135 1.54 8.23 -18.70
CA LYS A 135 0.60 7.16 -18.98
C LYS A 135 1.23 6.08 -19.85
N ASP A 136 2.08 6.49 -20.80
CA ASP A 136 2.83 5.53 -21.60
C ASP A 136 3.74 4.69 -20.72
N LEU A 137 4.45 5.33 -19.80
CA LEU A 137 5.37 4.61 -18.93
C LEU A 137 4.61 3.66 -18.01
N ILE A 138 3.43 4.06 -17.54
CA ILE A 138 2.58 3.20 -16.72
C ILE A 138 2.25 1.90 -17.46
N GLU A 139 1.87 2.01 -18.73
CA GLU A 139 1.56 0.80 -19.50
C GLU A 139 2.80 -0.04 -19.72
N ARG A 140 3.88 0.58 -20.19
CA ARG A 140 5.13 -0.14 -20.44
C ARG A 140 5.63 -0.85 -19.19
N PHE A 141 5.56 -0.18 -18.03
CA PHE A 141 6.08 -0.75 -16.79
C PHE A 141 5.08 -1.65 -16.09
N GLN A 142 3.84 -1.74 -16.59
CA GLN A 142 2.76 -2.52 -15.96
C GLN A 142 2.65 -2.23 -14.46
N LEU A 143 2.70 -0.94 -14.12
CA LEU A 143 2.61 -0.52 -12.73
C LEU A 143 1.29 -0.90 -12.08
N ASN A 144 0.28 -1.26 -12.88
CA ASN A 144 -0.99 -1.73 -12.33
C ASN A 144 -0.79 -2.96 -11.46
N LYS A 145 0.25 -3.76 -11.74
CA LYS A 145 0.54 -4.94 -10.93
C LYS A 145 0.92 -4.60 -9.50
N LEU A 146 1.35 -3.37 -9.24
CA LEU A 146 1.75 -2.96 -7.90
C LEU A 146 0.62 -2.27 -7.13
N THR A 147 -0.53 -2.04 -7.76
CA THR A 147 -1.56 -1.21 -7.14
C THR A 147 -2.14 -1.85 -5.88
N GLY A 148 -2.27 -3.19 -5.87
CA GLY A 148 -2.86 -3.85 -4.71
C GLY A 148 -2.13 -3.59 -3.40
N GLU A 149 -0.81 -3.36 -3.45
CA GLU A 149 -0.01 -3.28 -2.24
C GLU A 149 0.89 -2.07 -2.11
N HIS A 150 1.02 -1.22 -3.13
CA HIS A 150 1.92 -0.07 -3.04
C HIS A 150 1.20 1.20 -3.46
N THR A 151 1.27 2.23 -2.61
CA THR A 151 0.91 3.57 -3.05
C THR A 151 1.94 4.00 -4.08
N TRP A 152 1.50 4.32 -5.30
CA TRP A 152 2.46 4.69 -6.34
C TRP A 152 1.95 5.83 -7.19
N SER A 153 2.90 6.56 -7.77
CA SER A 153 2.60 7.64 -8.70
C SER A 153 3.74 7.74 -9.70
N VAL A 154 3.41 8.14 -10.93
CA VAL A 154 4.41 8.51 -11.92
C VAL A 154 4.36 10.02 -12.08
N ILE A 155 5.46 10.69 -11.78
CA ILE A 155 5.55 12.14 -11.83
C ILE A 155 6.55 12.52 -12.93
N PRO A 156 6.17 13.32 -13.92
CA PRO A 156 7.14 13.79 -14.92
C PRO A 156 8.05 14.85 -14.31
N THR A 157 9.35 14.71 -14.50
CA THR A 157 10.31 15.62 -13.89
C THR A 157 11.33 16.10 -14.92
N ILE A 158 11.97 17.22 -14.58
CA ILE A 158 13.14 17.73 -15.31
C ILE A 158 14.16 18.03 -14.22
N ALA A 159 15.02 17.05 -13.92
CA ALA A 159 15.95 17.18 -12.80
C ALA A 159 16.81 18.43 -12.90
N ILE A 160 17.35 18.74 -14.08
CA ILE A 160 18.25 19.87 -14.22
C ILE A 160 17.54 21.20 -14.01
N ASP A 161 16.21 21.23 -14.14
CA ASP A 161 15.37 22.39 -13.81
C ASP A 161 14.85 22.35 -12.39
N GLY A 162 14.68 21.15 -11.83
CA GLY A 162 13.94 20.99 -10.61
C GLY A 162 12.44 20.80 -10.80
N THR A 163 11.98 20.79 -12.02
CA THR A 163 10.57 20.61 -12.31
C THR A 163 10.04 19.28 -11.77
N GLY A 164 8.91 19.25 -11.06
CA GLY A 164 8.39 18.01 -10.57
C GLY A 164 8.96 17.58 -9.24
N LEU A 165 10.09 18.14 -8.80
CA LEU A 165 10.70 17.68 -7.56
C LEU A 165 9.91 18.16 -6.34
N VAL A 166 9.45 19.41 -6.34
CA VAL A 166 8.59 19.89 -5.26
C VAL A 166 7.31 19.05 -5.17
N GLU A 167 6.66 18.80 -6.32
CA GLU A 167 5.47 17.93 -6.32
C GLU A 167 5.79 16.56 -5.74
N THR A 168 6.97 16.02 -6.04
CA THR A 168 7.35 14.70 -5.58
C THR A 168 7.43 14.65 -4.05
N LEU A 169 8.09 15.64 -3.47
CA LEU A 169 8.25 15.73 -2.02
C LEU A 169 6.91 15.96 -1.32
N ASN A 170 6.12 16.90 -1.85
CA ASN A 170 4.77 17.12 -1.31
C ASN A 170 3.94 15.85 -1.34
N TRP A 171 4.05 15.08 -2.42
CA TRP A 171 3.24 13.87 -2.54
C TRP A 171 3.67 12.82 -1.53
N ILE A 172 4.97 12.54 -1.44
CA ILE A 172 5.49 11.64 -0.42
C ILE A 172 5.02 12.08 0.95
N SER A 173 5.11 13.39 1.21
CA SER A 173 4.77 13.93 2.52
C SER A 173 3.30 13.73 2.85
N SER A 174 2.44 13.96 1.88
CA SER A 174 1.03 13.81 2.15
C SER A 174 0.61 12.38 2.47
N HIS A 175 1.40 11.41 2.04
CA HIS A 175 1.10 10.01 2.25
C HIS A 175 1.85 9.35 3.40
N SER A 176 2.60 10.13 4.16
CA SER A 176 3.43 9.63 5.25
C SER A 176 2.98 10.05 6.63
N LYS A 177 3.48 9.37 7.67
CA LYS A 177 3.09 9.62 9.05
C LYS A 177 3.58 10.99 9.49
N GLN B 1 -17.09 -15.71 -9.54
CA GLN B 1 -16.33 -16.80 -8.94
C GLN B 1 -17.16 -17.63 -7.95
N GLY B 2 -16.97 -18.96 -7.97
CA GLY B 2 -17.63 -19.85 -7.04
C GLY B 2 -16.70 -20.21 -5.90
N MET B 3 -17.22 -20.13 -4.67
CA MET B 3 -16.40 -20.15 -3.46
C MET B 3 -16.53 -21.42 -2.61
N GLY B 4 -17.41 -22.36 -2.98
CA GLY B 4 -17.58 -23.55 -2.18
CA GLY B 4 -17.58 -23.55 -2.18
C GLY B 4 -16.33 -24.36 -2.01
N GLY B 5 -15.89 -24.54 -0.77
CA GLY B 5 -14.72 -25.35 -0.47
C GLY B 5 -13.39 -24.67 -0.65
N LEU B 6 -13.35 -23.35 -0.85
CA LEU B 6 -12.06 -22.68 -1.00
C LEU B 6 -11.46 -22.22 0.32
N VAL B 7 -12.29 -21.92 1.33
CA VAL B 7 -11.75 -21.54 2.63
C VAL B 7 -11.03 -22.72 3.27
N SER B 8 -11.67 -23.91 3.25
CA SER B 8 -11.03 -25.11 3.74
C SER B 8 -9.76 -25.43 2.95
N LYS B 9 -9.82 -25.17 1.65
CA LYS B 9 -8.71 -25.45 0.75
C LYS B 9 -7.49 -24.53 0.91
N LEU B 10 -7.68 -23.28 1.34
CA LEU B 10 -6.56 -22.38 1.48
C LEU B 10 -6.07 -22.26 2.91
N PHE B 11 -6.89 -22.60 3.90
CA PHE B 11 -6.47 -22.50 5.29
C PHE B 11 -6.22 -23.84 5.95
N LYS B 12 -6.82 -24.92 5.44
CA LYS B 12 -6.42 -26.29 5.75
C LYS B 12 -6.00 -26.44 7.21
N ASN B 13 -6.95 -26.25 8.13
CA ASN B 13 -6.86 -26.49 9.57
C ASN B 13 -6.06 -25.42 10.34
N ARG B 14 -5.58 -24.35 9.68
CA ARG B 14 -4.79 -23.34 10.35
C ARG B 14 -5.66 -22.41 11.20
N GLU B 15 -5.04 -21.80 12.22
CA GLU B 15 -5.73 -20.90 13.14
C GLU B 15 -5.79 -19.48 12.60
N MET B 16 -6.99 -18.88 12.61
CA MET B 16 -7.08 -17.47 12.27
C MET B 16 -8.41 -16.80 12.61
N ARG B 17 -8.32 -15.69 13.36
CA ARG B 17 -9.46 -14.91 13.81
C ARG B 17 -9.57 -13.65 12.94
N ILE B 18 -10.65 -13.56 12.18
CA ILE B 18 -10.85 -12.51 11.20
C ILE B 18 -12.04 -11.67 11.62
N LEU B 19 -11.87 -10.35 11.56
CA LEU B 19 -12.95 -9.39 11.71
C LEU B 19 -13.25 -8.80 10.34
N MET B 20 -14.52 -8.80 9.93
CA MET B 20 -14.98 -8.17 8.70
C MET B 20 -15.86 -6.98 9.06
N LEU B 21 -15.35 -5.77 8.85
CA LEU B 21 -15.98 -4.57 9.37
C LEU B 21 -16.18 -3.61 8.20
N GLY B 22 -16.77 -2.46 8.50
CA GLY B 22 -16.97 -1.44 7.49
C GLY B 22 -18.31 -0.78 7.74
N LEU B 23 -18.62 0.30 7.01
CA LEU B 23 -19.89 0.96 7.22
C LEU B 23 -21.04 0.02 6.86
N ASP B 24 -22.20 0.29 7.47
CA ASP B 24 -23.44 -0.27 6.97
C ASP B 24 -23.57 0.00 5.47
N ASN B 25 -24.11 -0.99 4.75
CA ASN B 25 -24.40 -0.96 3.31
C ASN B 25 -23.17 -1.25 2.45
N ALA B 26 -22.03 -1.56 3.06
CA ALA B 26 -20.81 -1.76 2.28
C ALA B 26 -20.78 -3.11 1.56
N GLY B 27 -21.44 -4.12 2.11
CA GLY B 27 -21.57 -5.39 1.41
C GLY B 27 -21.02 -6.57 2.20
N LYS B 28 -20.86 -6.43 3.52
CA LYS B 28 -20.11 -7.48 4.19
C LYS B 28 -20.96 -8.70 4.51
N THR B 29 -22.26 -8.56 4.78
CA THR B 29 -23.11 -9.73 4.99
C THR B 29 -23.19 -10.53 3.69
N THR B 30 -23.24 -9.83 2.55
CA THR B 30 -23.19 -10.50 1.26
C THR B 30 -21.90 -11.30 1.11
N ILE B 31 -20.76 -10.70 1.47
CA ILE B 31 -19.48 -11.40 1.39
C ILE B 31 -19.47 -12.60 2.32
N LEU B 32 -19.92 -12.39 3.57
CA LEU B 32 -19.99 -13.48 4.55
C LEU B 32 -20.71 -14.70 4.00
N TYR B 33 -21.89 -14.51 3.42
CA TYR B 33 -22.67 -15.65 2.94
C TYR B 33 -22.07 -16.25 1.67
N LYS B 34 -21.38 -15.45 0.85
CA LYS B 34 -20.70 -15.98 -0.33
C LYS B 34 -19.58 -16.95 0.03
N LEU B 35 -19.02 -16.85 1.23
CA LEU B 35 -17.95 -17.74 1.64
C LEU B 35 -18.41 -19.19 1.81
N LYS B 36 -19.73 -19.44 1.79
CA LYS B 36 -20.26 -20.80 1.85
C LYS B 36 -19.72 -21.56 3.05
N LEU B 37 -19.87 -20.96 4.23
CA LEU B 37 -19.48 -21.60 5.47
C LEU B 37 -20.67 -22.10 6.28
N GLY B 38 -21.89 -21.79 5.84
CA GLY B 38 -23.08 -22.51 6.25
C GLY B 38 -23.77 -22.11 7.54
N LYS B 39 -23.00 -21.89 8.62
CA LYS B 39 -23.61 -21.96 9.95
C LYS B 39 -23.42 -20.68 10.76
N THR B 40 -23.98 -19.55 10.33
CA THR B 40 -23.71 -18.32 11.06
C THR B 40 -24.52 -18.25 12.34
N SER B 41 -23.95 -17.57 13.34
CA SER B 41 -24.59 -17.33 14.63
C SER B 41 -24.79 -15.83 14.77
N LYS B 42 -26.03 -15.42 15.01
CA LYS B 42 -26.34 -14.00 15.22
C LYS B 42 -26.47 -13.73 16.71
N THR B 43 -25.75 -12.73 17.20
CA THR B 43 -25.83 -12.32 18.60
C THR B 43 -26.11 -10.82 18.67
N VAL B 44 -26.81 -10.42 19.72
CA VAL B 44 -27.11 -9.01 19.97
C VAL B 44 -26.62 -8.69 21.37
N PRO B 45 -25.33 -8.39 21.56
CA PRO B 45 -24.82 -8.19 22.92
C PRO B 45 -25.50 -7.06 23.66
N THR B 46 -25.94 -6.02 22.96
CA THR B 46 -26.85 -5.02 23.51
C THR B 46 -27.66 -4.48 22.35
N VAL B 47 -28.77 -3.82 22.65
CA VAL B 47 -29.65 -3.39 21.57
C VAL B 47 -28.88 -2.50 20.62
N GLY B 48 -29.07 -2.72 19.32
CA GLY B 48 -28.38 -1.97 18.30
C GLY B 48 -27.06 -2.55 17.85
N PHE B 49 -26.48 -3.47 18.62
CA PHE B 49 -25.17 -4.05 18.31
C PHE B 49 -25.45 -5.45 17.77
N ASN B 50 -25.34 -5.62 16.45
CA ASN B 50 -25.72 -6.87 15.80
C ASN B 50 -24.47 -7.53 15.24
N VAL B 51 -24.08 -8.65 15.85
CA VAL B 51 -22.85 -9.36 15.49
C VAL B 51 -23.24 -10.68 14.86
N GLU B 52 -22.58 -11.02 13.76
CA GLU B 52 -22.83 -12.28 13.07
C GLU B 52 -21.50 -12.98 12.87
N THR B 53 -21.43 -14.24 13.28
CA THR B 53 -20.19 -14.99 13.28
C THR B 53 -20.36 -16.36 12.64
N VAL B 54 -19.26 -16.89 12.10
CA VAL B 54 -19.23 -18.24 11.56
C VAL B 54 -17.82 -18.76 11.74
N LYS B 55 -17.69 -20.06 11.96
CA LYS B 55 -16.38 -20.67 12.14
C LYS B 55 -16.27 -21.89 11.25
N HIS B 56 -15.19 -21.99 10.50
CA HIS B 56 -14.92 -23.15 9.66
C HIS B 56 -13.56 -23.70 10.10
N LYS B 57 -13.57 -24.91 10.67
CA LYS B 57 -12.40 -25.47 11.35
C LYS B 57 -11.85 -24.46 12.35
N ASN B 58 -10.59 -24.05 12.19
CA ASN B 58 -9.96 -23.10 13.09
C ASN B 58 -9.99 -21.65 12.57
N VAL B 59 -10.80 -21.37 11.57
CA VAL B 59 -10.89 -20.04 10.99
C VAL B 59 -12.23 -19.45 11.41
N SER B 60 -12.21 -18.29 12.06
CA SER B 60 -13.42 -17.68 12.59
C SER B 60 -13.60 -16.28 12.03
N PHE B 61 -14.85 -15.91 11.81
CA PHE B 61 -15.23 -14.62 11.25
C PHE B 61 -16.23 -13.96 12.19
N ALA B 62 -16.08 -12.66 12.42
CA ALA B 62 -17.08 -11.88 13.14
C ALA B 62 -17.29 -10.59 12.37
N VAL B 63 -18.56 -10.22 12.20
CA VAL B 63 -18.99 -9.18 11.27
C VAL B 63 -19.97 -8.27 11.98
N TRP B 64 -19.72 -6.96 11.94
CA TRP B 64 -20.74 -6.00 12.35
C TRP B 64 -20.50 -4.69 11.61
N ASP B 65 -21.53 -3.84 11.63
CA ASP B 65 -21.51 -2.56 10.95
C ASP B 65 -20.90 -1.48 11.83
N CYS B 66 -20.00 -0.69 11.27
CA CYS B 66 -19.39 0.42 11.99
C CYS B 66 -19.90 1.76 11.48
N GLY B 67 -19.25 2.84 11.91
CA GLY B 67 -19.71 4.19 11.70
C GLY B 67 -20.64 4.65 12.82
N GLY B 68 -20.35 5.81 13.41
CA GLY B 68 -21.24 6.38 14.43
C GLY B 68 -21.36 5.46 15.64
N GLN B 69 -22.60 5.29 16.11
CA GLN B 69 -22.93 4.35 17.18
C GLN B 69 -22.07 4.59 18.42
N GLU B 70 -22.01 5.85 18.86
CA GLU B 70 -21.15 6.22 19.97
C GLU B 70 -21.52 5.48 21.25
N ARG B 71 -22.81 5.20 21.47
CA ARG B 71 -23.23 4.42 22.62
C ARG B 71 -22.60 3.04 22.62
N ILE B 72 -22.49 2.44 21.44
CA ILE B 72 -22.19 1.03 21.24
C ILE B 72 -20.69 0.78 21.07
N ARG B 73 -19.98 1.72 20.42
CA ARG B 73 -18.59 1.56 20.02
C ARG B 73 -17.65 1.00 21.08
N PRO B 74 -17.69 1.45 22.34
CA PRO B 74 -16.70 0.92 23.30
C PRO B 74 -16.72 -0.59 23.43
N LEU B 75 -17.87 -1.22 23.17
CA LEU B 75 -17.96 -2.68 23.23
C LEU B 75 -17.17 -3.37 22.12
N TRP B 76 -16.82 -2.64 21.04
CA TRP B 76 -16.13 -3.26 19.92
C TRP B 76 -14.73 -3.72 20.30
N ARG B 77 -14.10 -3.03 21.26
CA ARG B 77 -12.70 -3.28 21.57
C ARG B 77 -12.48 -4.67 22.15
N HIS B 78 -13.46 -5.21 22.87
CA HIS B 78 -13.35 -6.59 23.37
C HIS B 78 -13.22 -7.60 22.24
N TYR B 79 -13.83 -7.32 21.08
CA TYR B 79 -13.70 -8.20 19.94
C TYR B 79 -12.39 -7.99 19.19
N PHE B 80 -11.80 -6.79 19.29
CA PHE B 80 -10.53 -6.51 18.62
C PHE B 80 -9.42 -7.43 19.10
N THR B 81 -9.32 -7.61 20.43
CA THR B 81 -8.21 -8.31 21.06
C THR B 81 -7.97 -9.67 20.42
N GLY B 82 -6.73 -9.92 20.01
CA GLY B 82 -6.34 -11.17 19.41
C GLY B 82 -6.66 -11.32 17.94
N THR B 83 -7.22 -10.29 17.31
CA THR B 83 -7.60 -10.40 15.90
C THR B 83 -6.36 -10.53 15.02
N ASN B 84 -6.41 -11.45 14.06
CA ASN B 84 -5.30 -11.72 13.16
C ASN B 84 -5.37 -10.91 11.88
N ALA B 85 -6.56 -10.73 11.33
CA ALA B 85 -6.73 -9.97 10.10
C ALA B 85 -8.01 -9.16 10.18
N LEU B 86 -7.95 -7.91 9.70
CA LEU B 86 -9.13 -7.07 9.53
C LEU B 86 -9.48 -6.99 8.05
N ILE B 87 -10.67 -7.43 7.69
CA ILE B 87 -11.23 -7.20 6.37
C ILE B 87 -12.13 -5.98 6.49
N TYR B 88 -11.76 -4.89 5.82
CA TYR B 88 -12.53 -3.65 5.88
C TYR B 88 -13.19 -3.42 4.54
N VAL B 89 -14.52 -3.50 4.50
CA VAL B 89 -15.29 -3.45 3.27
CA VAL B 89 -15.27 -3.44 3.25
C VAL B 89 -15.75 -2.01 3.03
N VAL B 90 -15.58 -1.53 1.81
CA VAL B 90 -15.88 -0.16 1.43
C VAL B 90 -16.83 -0.21 0.24
N ASP B 91 -17.94 0.54 0.32
CA ASP B 91 -18.79 0.71 -0.84
C ASP B 91 -18.09 1.69 -1.78
N SER B 92 -17.42 1.18 -2.82
CA SER B 92 -16.66 2.00 -3.75
CA SER B 92 -16.66 2.05 -3.70
C SER B 92 -17.54 2.91 -4.58
N SER B 93 -18.83 2.59 -4.69
CA SER B 93 -19.77 3.39 -5.47
C SER B 93 -20.42 4.49 -4.66
N ASP B 94 -20.22 4.53 -3.35
CA ASP B 94 -20.84 5.54 -2.49
C ASP B 94 -19.83 6.63 -2.14
N VAL B 95 -19.58 7.50 -3.11
CA VAL B 95 -18.53 8.51 -2.94
C VAL B 95 -18.84 9.46 -1.79
N ASP B 96 -20.12 9.73 -1.54
CA ASP B 96 -20.50 10.63 -0.45
C ASP B 96 -20.15 10.06 0.93
N ARG B 97 -19.92 8.76 1.04
CA ARG B 97 -19.58 8.15 2.32
C ARG B 97 -18.13 7.71 2.39
N LEU B 98 -17.33 8.00 1.36
CA LEU B 98 -15.95 7.52 1.33
C LEU B 98 -15.10 8.16 2.42
N GLU B 99 -15.29 9.46 2.68
CA GLU B 99 -14.55 10.08 3.79
C GLU B 99 -14.96 9.48 5.13
N GLU B 100 -16.26 9.24 5.34
CA GLU B 100 -16.74 8.58 6.55
C GLU B 100 -16.12 7.19 6.70
N SER B 101 -16.04 6.46 5.60
CA SER B 101 -15.46 5.12 5.63
C SER B 101 -13.99 5.17 5.97
N LYS B 102 -13.25 6.12 5.37
CA LYS B 102 -11.83 6.28 5.66
C LYS B 102 -11.60 6.57 7.13
N GLN B 103 -12.32 7.58 7.66
CA GLN B 103 -12.12 7.96 9.06
C GLN B 103 -12.38 6.78 9.99
N GLU B 104 -13.41 6.00 9.72
CA GLU B 104 -13.75 4.88 10.59
C GLU B 104 -12.69 3.79 10.50
N LEU B 105 -12.13 3.58 9.30
CA LEU B 105 -11.02 2.63 9.19
C LEU B 105 -9.86 3.05 10.08
N PHE B 106 -9.47 4.33 10.04
CA PHE B 106 -8.36 4.78 10.87
C PHE B 106 -8.65 4.66 12.36
N ARG B 107 -9.86 5.04 12.79
CA ARG B 107 -10.19 4.89 14.22
C ARG B 107 -10.13 3.43 14.66
N ILE B 108 -10.52 2.51 13.78
CA ILE B 108 -10.55 1.10 14.16
C ILE B 108 -9.15 0.48 14.08
N VAL B 109 -8.52 0.56 12.91
CA VAL B 109 -7.32 -0.25 12.70
C VAL B 109 -6.13 0.27 13.54
N THR B 110 -6.15 1.52 14.00
CA THR B 110 -5.08 2.00 14.86
C THR B 110 -5.34 1.75 16.33
N ASP B 111 -6.45 1.10 16.68
CA ASP B 111 -6.72 0.76 18.07
C ASP B 111 -5.60 -0.13 18.60
N LYS B 112 -5.18 0.10 19.85
CA LYS B 112 -4.08 -0.66 20.40
C LYS B 112 -4.39 -2.16 20.50
N GLU B 113 -5.67 -2.53 20.61
CA GLU B 113 -6.02 -3.94 20.66
C GLU B 113 -5.99 -4.62 19.29
N LEU B 114 -5.65 -3.87 18.23
CA LEU B 114 -5.54 -4.39 16.88
C LEU B 114 -4.11 -4.40 16.39
N THR B 115 -3.16 -4.29 17.31
CA THR B 115 -1.75 -4.13 16.96
C THR B 115 -1.28 -5.27 16.06
N ASN B 116 -0.62 -4.91 14.97
CA ASN B 116 0.02 -5.80 14.00
C ASN B 116 -0.95 -6.69 13.24
N CYS B 117 -2.26 -6.42 13.29
CA CYS B 117 -3.18 -7.22 12.48
C CYS B 117 -2.96 -6.93 11.01
N LEU B 118 -3.17 -7.95 10.17
CA LEU B 118 -3.25 -7.70 8.75
C LEU B 118 -4.49 -6.87 8.41
N LEU B 119 -4.42 -6.17 7.27
CA LEU B 119 -5.52 -5.33 6.80
C LEU B 119 -5.75 -5.60 5.32
N VAL B 120 -6.93 -6.11 4.97
CA VAL B 120 -7.36 -6.11 3.58
C VAL B 120 -8.54 -5.17 3.45
N VAL B 121 -8.41 -4.16 2.60
CA VAL B 121 -9.52 -3.28 2.29
C VAL B 121 -10.16 -3.79 1.03
N LEU B 122 -11.45 -4.07 1.07
CA LEU B 122 -12.16 -4.50 -0.14
C LEU B 122 -12.89 -3.32 -0.73
N ALA B 123 -12.47 -2.93 -1.93
CA ALA B 123 -13.15 -1.92 -2.72
C ALA B 123 -14.33 -2.62 -3.39
N ASN B 124 -15.46 -2.67 -2.68
CA ASN B 124 -16.60 -3.46 -3.12
C ASN B 124 -17.52 -2.68 -4.06
N LYS B 125 -18.36 -3.42 -4.78
CA LYS B 125 -19.35 -2.87 -5.70
C LYS B 125 -18.67 -2.26 -6.93
N GLN B 126 -17.60 -2.92 -7.40
CA GLN B 126 -16.90 -2.45 -8.59
C GLN B 126 -17.73 -2.55 -9.86
N ASP B 127 -18.87 -3.24 -9.81
CA ASP B 127 -19.78 -3.35 -10.93
C ASP B 127 -20.65 -2.11 -11.12
N VAL B 128 -20.77 -1.26 -10.12
CA VAL B 128 -21.62 -0.09 -10.20
C VAL B 128 -20.90 0.99 -10.99
N ASP B 129 -21.57 1.59 -11.97
CA ASP B 129 -20.93 2.58 -12.81
C ASP B 129 -20.54 3.80 -11.97
N GLY B 130 -19.30 4.27 -12.14
CA GLY B 130 -18.80 5.35 -11.33
C GLY B 130 -18.05 4.94 -10.07
N ALA B 131 -17.94 3.64 -9.80
CA ALA B 131 -17.24 3.19 -8.60
C ALA B 131 -15.77 3.55 -8.66
N VAL B 132 -15.22 3.92 -7.51
CA VAL B 132 -13.81 4.27 -7.39
C VAL B 132 -12.97 3.00 -7.47
N LYS B 133 -11.92 3.04 -8.29
CA LYS B 133 -11.01 1.90 -8.43
C LYS B 133 -10.08 1.81 -7.22
N PRO B 134 -9.50 0.63 -6.97
CA PRO B 134 -8.56 0.51 -5.85
C PRO B 134 -7.44 1.55 -5.83
N LYS B 135 -6.88 1.95 -6.98
CA LYS B 135 -5.78 2.91 -6.92
C LYS B 135 -6.26 4.25 -6.37
N ASP B 136 -7.45 4.69 -6.78
CA ASP B 136 -7.92 5.97 -6.25
C ASP B 136 -8.44 5.83 -4.82
N LEU B 137 -8.91 4.64 -4.42
CA LEU B 137 -9.22 4.42 -3.00
C LEU B 137 -7.98 4.56 -2.13
N ILE B 138 -6.85 4.01 -2.59
CA ILE B 138 -5.59 4.11 -1.85
C ILE B 138 -5.13 5.57 -1.77
N GLU B 139 -5.25 6.31 -2.87
CA GLU B 139 -4.93 7.73 -2.86
C GLU B 139 -5.77 8.48 -1.83
N ARG B 140 -7.07 8.22 -1.84
CA ARG B 140 -7.97 8.90 -0.91
C ARG B 140 -7.72 8.48 0.52
N PHE B 141 -7.62 7.18 0.75
CA PHE B 141 -7.49 6.65 2.11
C PHE B 141 -6.10 6.88 2.70
N GLN B 142 -5.09 7.13 1.87
CA GLN B 142 -3.72 7.35 2.34
C GLN B 142 -3.28 6.17 3.22
N LEU B 143 -3.54 4.96 2.74
CA LEU B 143 -3.19 3.75 3.48
C LEU B 143 -1.70 3.62 3.77
N ASN B 144 -0.84 4.29 3.00
CA ASN B 144 0.58 4.26 3.32
C ASN B 144 0.85 4.78 4.73
N LYS B 145 -0.07 5.55 5.31
CA LYS B 145 0.11 5.99 6.69
C LYS B 145 0.11 4.83 7.68
N LEU B 146 -0.37 3.65 7.27
CA LEU B 146 -0.35 2.46 8.10
C LEU B 146 0.78 1.50 7.80
N THR B 147 1.57 1.74 6.75
CA THR B 147 2.69 0.88 6.44
C THR B 147 3.64 0.79 7.63
N GLY B 148 4.00 -0.44 8.00
CA GLY B 148 4.87 -0.67 9.12
C GLY B 148 4.14 -1.08 10.38
N GLU B 149 2.90 -0.61 10.56
CA GLU B 149 2.05 -1.11 11.63
C GLU B 149 1.17 -2.25 11.18
N HIS B 150 0.79 -2.28 9.90
CA HIS B 150 -0.09 -3.29 9.36
C HIS B 150 0.33 -3.60 7.94
N THR B 151 0.52 -4.89 7.64
CA THR B 151 0.68 -5.32 6.26
C THR B 151 -0.69 -5.26 5.61
N TRP B 152 -0.79 -4.58 4.46
CA TRP B 152 -2.11 -4.31 3.90
C TRP B 152 -2.16 -4.56 2.41
N SER B 153 -3.38 -4.69 1.92
CA SER B 153 -3.65 -4.79 0.50
C SER B 153 -5.05 -4.26 0.25
N VAL B 154 -5.28 -3.77 -0.97
CA VAL B 154 -6.60 -3.34 -1.42
C VAL B 154 -6.99 -4.23 -2.58
N ILE B 155 -8.17 -4.83 -2.50
CA ILE B 155 -8.60 -5.79 -3.51
C ILE B 155 -9.96 -5.34 -4.04
N PRO B 156 -10.14 -5.23 -5.36
CA PRO B 156 -11.46 -4.92 -5.91
C PRO B 156 -12.37 -6.15 -5.83
N THR B 157 -13.61 -5.94 -5.36
CA THR B 157 -14.57 -7.04 -5.23
C THR B 157 -15.92 -6.64 -5.80
N ILE B 158 -16.67 -7.67 -6.19
CA ILE B 158 -18.09 -7.58 -6.51
C ILE B 158 -18.72 -8.68 -5.67
N ALA B 159 -19.26 -8.31 -4.50
CA ALA B 159 -19.67 -9.32 -3.52
C ALA B 159 -20.81 -10.19 -4.04
N ILE B 160 -21.74 -9.60 -4.80
CA ILE B 160 -22.91 -10.33 -5.28
C ILE B 160 -22.55 -11.30 -6.41
N ASP B 161 -21.27 -11.28 -6.80
CA ASP B 161 -20.74 -12.05 -7.93
C ASP B 161 -19.63 -13.00 -7.48
N GLY B 162 -18.99 -12.72 -6.35
CA GLY B 162 -17.86 -13.49 -5.87
C GLY B 162 -16.50 -12.97 -6.29
N THR B 163 -16.43 -11.98 -7.19
CA THR B 163 -15.13 -11.57 -7.71
C THR B 163 -14.33 -10.86 -6.62
N GLY B 164 -13.03 -11.17 -6.56
CA GLY B 164 -12.18 -10.63 -5.53
C GLY B 164 -12.11 -11.46 -4.26
N LEU B 165 -13.03 -12.40 -4.06
CA LEU B 165 -13.07 -13.10 -2.79
C LEU B 165 -12.02 -14.21 -2.69
N VAL B 166 -11.75 -14.92 -3.79
CA VAL B 166 -10.66 -15.91 -3.79
C VAL B 166 -9.33 -15.21 -3.54
N GLU B 167 -9.06 -14.15 -4.28
CA GLU B 167 -7.88 -13.32 -4.06
C GLU B 167 -7.79 -12.83 -2.63
N THR B 168 -8.92 -12.44 -2.03
CA THR B 168 -8.91 -11.99 -0.65
C THR B 168 -8.40 -13.09 0.28
N LEU B 169 -9.01 -14.28 0.21
CA LEU B 169 -8.56 -15.37 1.07
C LEU B 169 -7.14 -15.81 0.73
N ASN B 170 -6.79 -15.80 -0.56
CA ASN B 170 -5.43 -16.15 -0.96
C ASN B 170 -4.42 -15.25 -0.24
N TRP B 171 -4.68 -13.95 -0.26
CA TRP B 171 -3.76 -12.97 0.33
C TRP B 171 -3.66 -13.16 1.84
N ILE B 172 -4.80 -13.32 2.51
CA ILE B 172 -4.78 -13.53 3.95
C ILE B 172 -3.98 -14.79 4.28
N SER B 173 -4.30 -15.89 3.59
CA SER B 173 -3.55 -17.14 3.78
C SER B 173 -2.06 -16.94 3.58
N SER B 174 -1.66 -16.30 2.46
CA SER B 174 -0.23 -16.25 2.15
C SER B 174 0.51 -15.34 3.11
N HIS B 175 -0.13 -14.27 3.57
CA HIS B 175 0.48 -13.35 4.52
C HIS B 175 0.23 -13.76 5.95
N SER B 176 -0.29 -14.96 6.19
CA SER B 176 -0.47 -15.47 7.57
C SER B 176 0.40 -16.66 7.91
N LYS B 177 0.73 -16.81 9.19
CA LYS B 177 1.56 -17.92 9.64
C LYS B 177 0.77 -19.21 9.75
PB G3D C . 22.55 9.05 -12.48
O1B G3D C . 23.05 9.65 -11.14
O2B G3D C . 21.19 8.38 -12.27
O3B G3D C . 23.54 8.06 -13.09
PA G3D C . 23.03 11.76 -13.25
O3A G3D C . 22.36 10.28 -13.56
O1A G3D C . 22.43 12.45 -12.01
O2A G3D C . 24.53 11.59 -13.07
O5' G3D C . 22.68 12.59 -14.63
C5' G3D C . 22.72 11.84 -15.83
C4' G3D C . 22.92 12.80 -16.96
O4' G3D C . 21.73 13.11 -17.46
C3' G3D C . 23.62 14.20 -16.40
O3' G3D C . 24.46 14.83 -17.46
C2' G3D C . 22.67 14.96 -16.12
O2' G3D C . 23.09 16.39 -16.21
C1' G3D C . 21.60 14.59 -17.26
N9 G3D C . 20.31 14.94 -17.03
C8 G3D C . 20.07 14.70 -15.70
N7 G3D C . 18.75 15.03 -15.44
C5 G3D C . 18.19 15.47 -16.60
C6 G3D C . 16.79 15.99 -17.01
O6 G3D C . 15.91 16.08 -16.25
N1 G3D C . 16.54 16.37 -18.38
C2 G3D C . 17.57 16.28 -19.36
N2 G3D C . 17.35 16.68 -20.75
N3 G3D C . 18.92 15.79 -18.97
C4 G3D C . 19.18 15.39 -17.56
P1 G3D C . 26.09 14.77 -17.43
O4P G3D C . 26.65 15.87 -16.60
O5P G3D C . 26.56 13.46 -16.88
O6P G3D C . 26.59 14.90 -18.84
MG MG D . 24.84 9.05 -9.67
PB G3D E . -23.69 -4.71 4.96
O1B G3D E . -23.86 -6.13 5.57
O2B G3D E . -22.25 -4.23 4.98
O3B G3D E . -24.69 -3.74 5.55
PA G3D E . -25.02 -5.92 2.62
O3A G3D E . -24.12 -4.77 3.36
O1A G3D E . -24.23 -7.20 2.43
O2A G3D E . -26.34 -6.13 3.35
O5' G3D E . -25.28 -5.23 1.15
C5' G3D E . -25.96 -3.99 1.14
C4' G3D E . -26.54 -3.86 -0.23
O4' G3D E . -25.56 -3.71 -1.09
C3' G3D E . -27.34 -5.25 -0.66
O3' G3D E . -28.54 -4.84 -1.41
C2' G3D E . -26.54 -5.92 -1.36
O2' G3D E . -27.24 -6.69 -2.43
C1' G3D E . -25.74 -4.77 -2.11
N9 G3D E . -24.59 -5.08 -2.74
C8 G3D E . -23.73 -5.72 -1.87
N7 G3D E . -22.55 -5.98 -2.55
C5 G3D E . -22.70 -5.52 -3.82
C6 G3D E . -21.82 -5.50 -5.08
O6 G3D E . -20.74 -5.95 -5.06
N1 G3D E . -22.34 -4.91 -6.30
C2 G3D E . -23.65 -4.36 -6.35
N2 G3D E . -24.22 -3.75 -7.54
N3 G3D E . -24.49 -4.38 -5.14
C4 G3D E . -23.95 -4.98 -3.91
P1 G3D E . -29.91 -4.46 -0.60
O4P G3D E . -30.56 -3.27 -1.22
O5P G3D E . -30.83 -5.64 -0.67
O6P G3D E . -29.62 -4.13 0.84
MG MG F . -25.00 -6.72 7.13
#